data_2XLG
#
_entry.id   2XLG
#
_cell.length_a   87.413
_cell.length_b   55.836
_cell.length_c   63.034
_cell.angle_alpha   90.00
_cell.angle_beta   110.07
_cell.angle_gamma   90.00
#
_symmetry.space_group_name_H-M   'C 1 2 1'
#
loop_
_entity.id
_entity.type
_entity.pdbx_description
1 polymer 'SLL1785 PROTEIN'
2 non-polymer 'COPPER (II) ION'
3 non-polymer 'SODIUM ION'
4 water water
#
_entity_poly.entity_id   1
_entity_poly.type   'polypeptide(L)'
_entity_poly.pdbx_seq_one_letter_code
;MAETEIHTFDDIPMPKLADPLLIYTPANEIFDIASCSAKDIGFAIAHAQIPPGGGPMPHIHYFINEWFWTPEGGIELFHS
TKQYPNMDELPVVGGAGRGDLYSIQSEPKQLIYSPNHYMHGFVNPTDKTLPIVFVWMRNEVAPDFPYHDGGMREYFQAVG
PRITDLNNLPELTNAQRAAFASEAPKYGINQSSYFMEYVNTISDKLPAQIAKLKNDKDLERMVEVIEAFNRGDKSVTCS
;
_entity_poly.pdbx_strand_id   A
#
loop_
_chem_comp.id
_chem_comp.type
_chem_comp.name
_chem_comp.formula
CU non-polymer 'COPPER (II) ION' 'Cu 2'
NA non-polymer 'SODIUM ION' 'Na 1'
#
# COMPACT_ATOMS: atom_id res chain seq x y z
N ILE A 6 6.04 15.17 -13.98
CA ILE A 6 5.60 14.09 -13.03
C ILE A 6 5.67 12.73 -13.72
N HIS A 7 5.86 11.68 -12.94
CA HIS A 7 6.02 10.36 -13.51
C HIS A 7 4.70 9.62 -13.63
N THR A 8 4.40 9.11 -14.82
CA THR A 8 3.17 8.35 -15.06
C THR A 8 3.46 6.92 -15.52
N PHE A 9 2.44 6.07 -15.46
CA PHE A 9 2.53 4.68 -15.92
C PHE A 9 1.20 4.32 -16.60
N ASP A 10 1.24 3.58 -17.71
CA ASP A 10 0.04 3.47 -18.54
C ASP A 10 -1.05 2.60 -17.93
N ASP A 11 -0.64 1.49 -17.35
CA ASP A 11 -1.59 0.54 -16.81
C ASP A 11 -0.92 -0.46 -15.89
N ILE A 12 -1.58 -0.77 -14.77
CA ILE A 12 -1.18 -1.88 -13.90
C ILE A 12 -2.38 -2.82 -13.83
N PRO A 13 -2.29 -3.97 -14.51
CA PRO A 13 -3.48 -4.83 -14.56
C PRO A 13 -3.69 -5.60 -13.25
N MET A 14 -4.90 -6.10 -13.08
CA MET A 14 -5.25 -6.92 -11.93
C MET A 14 -5.22 -8.40 -12.34
N PRO A 15 -4.61 -9.27 -11.52
CA PRO A 15 -4.79 -10.70 -11.70
C PRO A 15 -6.25 -11.13 -11.50
N LYS A 16 -6.80 -11.88 -12.44
CA LYS A 16 -8.19 -12.38 -12.38
C LYS A 16 -8.24 -13.74 -11.69
N LEU A 17 -8.68 -13.77 -10.44
N LEU A 17 -8.66 -13.76 -10.43
CA LEU A 17 -8.77 -15.00 -9.65
CA LEU A 17 -8.56 -14.98 -9.60
C LEU A 17 -10.16 -15.62 -9.70
C LEU A 17 -9.77 -15.91 -9.70
N ALA A 18 -10.22 -16.95 -9.64
N ALA A 18 -10.81 -15.49 -10.42
CA ALA A 18 -11.49 -17.69 -9.66
CA ALA A 18 -12.04 -16.27 -10.51
C ALA A 18 -12.40 -17.25 -8.52
C ALA A 18 -12.73 -16.25 -9.14
N ASP A 19 -11.79 -16.93 -7.38
N ASP A 19 -11.96 -16.52 -8.09
CA ASP A 19 -12.53 -16.36 -6.26
CA ASP A 19 -12.42 -16.34 -6.71
C ASP A 19 -11.77 -15.15 -5.72
C ASP A 19 -11.64 -15.20 -6.03
N PRO A 20 -12.06 -13.94 -6.25
CA PRO A 20 -11.34 -12.77 -5.72
C PRO A 20 -11.44 -12.55 -4.19
N LEU A 21 -10.37 -12.02 -3.61
CA LEU A 21 -10.38 -11.57 -2.22
C LEU A 21 -10.73 -10.10 -2.21
N LEU A 22 -12.00 -9.81 -1.93
CA LEU A 22 -12.50 -8.44 -1.72
C LEU A 22 -12.66 -8.19 -0.23
N ILE A 23 -11.98 -7.17 0.27
CA ILE A 23 -12.07 -6.80 1.68
C ILE A 23 -12.76 -5.44 1.78
N TYR A 24 -13.68 -5.34 2.75
CA TYR A 24 -14.39 -4.10 3.08
C TYR A 24 -13.90 -3.65 4.45
N THR A 25 -13.64 -2.36 4.60
CA THR A 25 -13.13 -1.83 5.86
C THR A 25 -14.13 -0.93 6.56
N PRO A 26 -13.91 -0.65 7.87
CA PRO A 26 -14.75 0.33 8.59
C PRO A 26 -14.71 1.75 7.98
N ALA A 27 -13.63 2.07 7.26
CA ALA A 27 -13.56 3.31 6.46
C ALA A 27 -14.33 3.18 5.12
N ASN A 28 -15.05 2.08 4.93
CA ASN A 28 -15.82 1.78 3.71
C ASN A 28 -15.00 1.70 2.39
N GLU A 29 -13.73 1.30 2.52
CA GLU A 29 -12.86 1.11 1.35
C GLU A 29 -13.11 -0.30 0.85
N ILE A 30 -12.86 -0.52 -0.44
CA ILE A 30 -12.93 -1.86 -1.03
C ILE A 30 -11.59 -2.22 -1.65
N PHE A 31 -10.98 -3.29 -1.12
CA PHE A 31 -9.70 -3.82 -1.60
C PHE A 31 -9.89 -5.15 -2.33
N ASP A 32 -9.57 -5.16 -3.63
CA ASP A 32 -9.50 -6.35 -4.48
C ASP A 32 -8.02 -6.76 -4.55
N ILE A 33 -7.69 -7.87 -3.89
CA ILE A 33 -6.31 -8.20 -3.57
C ILE A 33 -5.88 -9.51 -4.22
N ALA A 34 -4.67 -9.51 -4.77
CA ALA A 34 -4.07 -10.73 -5.31
C ALA A 34 -2.60 -10.80 -4.89
N SER A 35 -2.13 -12.03 -4.73
CA SER A 35 -0.76 -12.34 -4.35
C SER A 35 -0.21 -13.11 -5.54
N CYS A 36 1.00 -12.78 -5.99
CA CYS A 36 1.62 -13.52 -7.10
C CYS A 36 3.08 -13.84 -6.82
N SER A 37 3.57 -14.83 -7.54
CA SER A 37 4.94 -15.23 -7.42
C SER A 37 5.44 -15.76 -8.74
N ALA A 38 6.71 -15.51 -9.00
CA ALA A 38 7.41 -16.08 -10.13
C ALA A 38 8.76 -16.48 -9.57
N LYS A 39 9.56 -17.16 -10.36
CA LYS A 39 10.85 -17.67 -9.87
C LYS A 39 11.67 -16.61 -9.12
N ASP A 40 11.67 -15.40 -9.64
CA ASP A 40 12.56 -14.33 -9.19
C ASP A 40 11.90 -13.29 -8.26
N ILE A 41 10.60 -13.42 -7.99
CA ILE A 41 9.87 -12.29 -7.44
C ILE A 41 8.59 -12.68 -6.75
N GLY A 42 8.24 -11.92 -5.70
CA GLY A 42 7.01 -12.13 -4.97
C GLY A 42 6.37 -10.80 -4.64
N PHE A 43 5.08 -10.72 -4.85
CA PHE A 43 4.40 -9.45 -4.67
C PHE A 43 2.92 -9.62 -4.48
N ALA A 44 2.30 -8.54 -4.00
CA ALA A 44 0.86 -8.47 -3.91
C ALA A 44 0.38 -7.16 -4.45
N ILE A 45 -0.86 -7.16 -4.88
CA ILE A 45 -1.43 -5.99 -5.51
C ILE A 45 -2.86 -5.83 -5.04
N ALA A 46 -3.23 -4.58 -4.76
CA ALA A 46 -4.61 -4.23 -4.47
C ALA A 46 -5.09 -3.23 -5.50
N HIS A 47 -6.24 -3.53 -6.11
CA HIS A 47 -6.99 -2.53 -6.85
C HIS A 47 -8.10 -2.09 -5.88
N ALA A 48 -8.11 -0.80 -5.55
CA ALA A 48 -8.89 -0.28 -4.46
C ALA A 48 -9.83 0.84 -4.89
N GLN A 49 -10.96 0.92 -4.22
CA GLN A 49 -11.90 2.04 -4.35
C GLN A 49 -11.92 2.78 -3.03
N ILE A 50 -11.58 4.07 -3.07
CA ILE A 50 -11.34 4.86 -1.86
C ILE A 50 -12.40 5.94 -1.74
N PRO A 51 -13.30 5.80 -0.77
CA PRO A 51 -14.35 6.82 -0.61
C PRO A 51 -13.75 8.11 -0.07
N PRO A 52 -14.52 9.21 -0.06
CA PRO A 52 -14.10 10.42 0.61
C PRO A 52 -13.64 10.15 2.03
N GLY A 53 -12.47 10.67 2.37
CA GLY A 53 -11.86 10.47 3.67
C GLY A 53 -11.14 9.14 3.86
N GLY A 54 -11.21 8.25 2.88
CA GLY A 54 -10.59 6.93 3.00
C GLY A 54 -9.11 6.99 2.73
N GLY A 55 -8.42 5.91 3.08
CA GLY A 55 -7.00 5.76 2.87
C GLY A 55 -6.28 5.47 4.17
N PRO A 56 -5.07 4.91 4.06
CA PRO A 56 -4.33 4.52 5.25
C PRO A 56 -3.65 5.67 5.96
N MET A 57 -3.73 5.63 7.29
CA MET A 57 -3.00 6.62 8.05
CA MET A 57 -3.01 6.55 8.15
C MET A 57 -1.51 6.35 7.92
N PRO A 58 -0.69 7.32 8.32
CA PRO A 58 0.75 7.13 8.18
C PRO A 58 1.30 5.84 8.76
N HIS A 59 2.16 5.22 7.95
CA HIS A 59 2.78 3.96 8.29
C HIS A 59 4.13 3.81 7.57
N ILE A 60 4.88 2.83 8.01
CA ILE A 60 6.24 2.56 7.55
C ILE A 60 6.36 1.06 7.35
N HIS A 61 6.88 0.64 6.19
CA HIS A 61 7.12 -0.76 5.87
C HIS A 61 8.58 -1.17 6.05
N TYR A 62 8.76 -2.42 6.48
CA TYR A 62 10.11 -2.98 6.69
C TYR A 62 10.44 -4.15 5.75
N PHE A 63 9.40 -4.80 5.20
CA PHE A 63 9.57 -6.02 4.39
C PHE A 63 9.11 -5.90 2.93
N ILE A 64 8.60 -4.74 2.53
CA ILE A 64 8.23 -4.51 1.13
C ILE A 64 8.61 -3.12 0.72
N ASN A 65 8.72 -2.96 -0.59
CA ASN A 65 8.79 -1.65 -1.25
C ASN A 65 7.44 -1.46 -1.94
N GLU A 66 6.92 -0.25 -1.98
CA GLU A 66 5.54 -0.04 -2.42
C GLU A 66 5.44 0.92 -3.60
N TRP A 67 4.47 0.69 -4.48
CA TRP A 67 4.11 1.65 -5.52
C TRP A 67 2.67 2.04 -5.36
N PHE A 68 2.36 3.30 -5.63
CA PHE A 68 0.98 3.78 -5.70
C PHE A 68 0.75 4.31 -7.11
N TRP A 69 -0.41 3.96 -7.67
CA TRP A 69 -0.78 4.39 -9.03
C TRP A 69 -2.21 4.90 -8.98
N THR A 70 -2.40 6.14 -9.41
CA THR A 70 -3.68 6.84 -9.27
C THR A 70 -4.28 7.12 -10.67
N PRO A 71 -5.13 6.20 -11.17
CA PRO A 71 -5.62 6.32 -12.55
C PRO A 71 -6.32 7.63 -12.87
N GLU A 72 -6.98 8.21 -11.86
CA GLU A 72 -7.73 9.46 -12.02
C GLU A 72 -7.15 10.63 -11.22
N GLY A 73 -5.96 10.46 -10.67
CA GLY A 73 -5.40 11.45 -9.76
C GLY A 73 -6.31 11.60 -8.54
N GLY A 74 -6.35 12.82 -8.01
CA GLY A 74 -7.31 13.18 -6.96
C GLY A 74 -6.87 12.82 -5.56
N ILE A 75 -6.38 11.60 -5.42
CA ILE A 75 -5.85 11.10 -4.15
C ILE A 75 -4.66 11.97 -3.73
N GLU A 76 -4.64 12.30 -2.45
CA GLU A 76 -3.51 13.01 -1.86
C GLU A 76 -2.68 12.00 -1.10
N LEU A 77 -1.39 11.95 -1.40
CA LEU A 77 -0.47 11.08 -0.70
C LEU A 77 0.40 11.90 0.24
N PHE A 78 0.90 11.23 1.28
CA PHE A 78 1.84 11.85 2.24
C PHE A 78 3.09 11.02 2.29
N HIS A 79 4.24 11.69 2.37
CA HIS A 79 5.48 10.99 2.28
C HIS A 79 6.55 11.79 3.03
N SER A 80 7.41 11.07 3.73
CA SER A 80 8.54 11.69 4.42
C SER A 80 9.76 11.80 3.49
N THR A 81 10.73 12.63 3.86
CA THR A 81 12.08 12.53 3.29
C THR A 81 13.01 11.70 4.18
N LYS A 82 12.75 11.73 5.48
CA LYS A 82 13.43 10.88 6.45
C LYS A 82 13.08 9.40 6.27
N GLN A 83 14.09 8.55 6.34
CA GLN A 83 13.82 7.12 6.52
C GLN A 83 13.94 6.72 7.98
N TYR A 84 13.23 5.65 8.33
CA TYR A 84 13.13 5.13 9.68
C TYR A 84 13.56 3.66 9.65
N PRO A 85 14.86 3.42 9.49
CA PRO A 85 15.36 2.05 9.28
C PRO A 85 15.23 1.09 10.47
N ASN A 86 14.86 1.60 11.63
CA ASN A 86 14.83 0.82 12.86
C ASN A 86 13.40 0.65 13.32
N MET A 87 12.86 -0.55 13.11
CA MET A 87 11.45 -0.81 13.40
C MET A 87 11.15 -0.74 14.89
N ASP A 88 12.18 -0.90 15.71
CA ASP A 88 12.04 -0.82 17.16
C ASP A 88 11.90 0.60 17.67
N GLU A 89 12.14 1.60 16.84
CA GLU A 89 12.08 2.97 17.28
C GLU A 89 10.87 3.61 16.61
N LEU A 90 9.79 3.73 17.35
CA LEU A 90 8.55 4.32 16.81
C LEU A 90 8.64 5.83 16.76
N PRO A 91 8.07 6.45 15.72
CA PRO A 91 8.20 7.88 15.56
C PRO A 91 7.09 8.62 16.31
N VAL A 92 7.14 8.52 17.64
CA VAL A 92 6.09 9.02 18.51
C VAL A 92 6.62 9.97 19.57
N VAL A 93 5.69 10.71 20.17
CA VAL A 93 5.98 11.64 21.25
C VAL A 93 6.78 10.95 22.35
N GLY A 94 6.39 9.73 22.71
N GLY A 94 6.44 9.70 22.63
CA GLY A 94 6.99 9.03 23.84
CA GLY A 94 7.32 8.83 23.40
C GLY A 94 8.39 8.50 23.59
C GLY A 94 8.58 8.51 22.60
N GLY A 95 8.76 8.34 22.32
N GLY A 95 9.73 8.93 23.14
CA GLY A 95 10.06 7.74 21.97
CA GLY A 95 11.04 8.59 22.57
C GLY A 95 10.92 8.59 21.06
C GLY A 95 11.06 8.25 21.10
N ALA A 96 11.11 8.10 19.84
N ALA A 96 11.85 9.02 20.34
CA ALA A 96 12.04 8.69 18.85
CA ALA A 96 12.09 8.76 18.92
C ALA A 96 11.65 10.10 18.42
C ALA A 96 11.59 9.91 18.05
N GLY A 97 10.34 10.35 18.29
CA GLY A 97 9.86 11.63 17.80
C GLY A 97 9.06 11.50 16.53
N ARG A 98 8.02 12.31 16.42
CA ARG A 98 7.17 12.28 15.23
C ARG A 98 7.90 12.91 14.07
N GLY A 99 7.41 12.65 12.87
CA GLY A 99 8.12 13.07 11.64
C GLY A 99 7.42 14.11 10.80
N ASP A 100 8.14 14.61 9.81
CA ASP A 100 7.59 15.57 8.88
C ASP A 100 7.16 14.87 7.60
N LEU A 101 5.96 15.17 7.15
CA LEU A 101 5.42 14.61 5.93
C LEU A 101 5.17 15.70 4.90
N TYR A 102 5.28 15.30 3.65
CA TYR A 102 5.03 16.18 2.53
C TYR A 102 3.91 15.62 1.67
N SER A 103 3.00 16.47 1.27
CA SER A 103 1.86 16.02 0.49
C SER A 103 2.10 16.01 -1.00
N ILE A 104 1.39 15.11 -1.65
CA ILE A 104 1.43 14.97 -3.11
C ILE A 104 0.02 14.98 -3.63
N GLN A 105 -0.32 15.96 -4.47
CA GLN A 105 -1.64 15.98 -5.08
C GLN A 105 -1.57 15.21 -6.41
N SER A 106 -2.02 13.96 -6.41
CA SER A 106 -1.77 13.07 -7.55
C SER A 106 -2.51 13.50 -8.82
N GLU A 107 -1.94 13.09 -9.95
CA GLU A 107 -2.49 13.34 -11.26
C GLU A 107 -2.85 12.04 -11.96
N PRO A 108 -3.69 12.11 -13.00
CA PRO A 108 -4.09 10.89 -13.68
C PRO A 108 -2.91 10.04 -14.13
N LYS A 109 -2.94 8.76 -13.76
CA LYS A 109 -1.89 7.78 -14.09
C LYS A 109 -0.52 8.05 -13.44
N GLN A 110 -0.48 8.95 -12.46
CA GLN A 110 0.77 9.20 -11.74
C GLN A 110 1.22 7.93 -10.99
N LEU A 111 2.53 7.67 -11.02
CA LEU A 111 3.14 6.53 -10.33
C LEU A 111 4.08 7.03 -9.23
N ILE A 112 3.74 6.69 -7.98
CA ILE A 112 4.53 7.12 -6.82
C ILE A 112 5.23 5.90 -6.24
N TYR A 113 6.56 5.92 -6.23
CA TYR A 113 7.35 4.81 -5.69
C TYR A 113 7.79 5.14 -4.27
N SER A 114 7.53 4.23 -3.33
CA SER A 114 7.91 4.48 -1.94
C SER A 114 8.67 3.30 -1.36
N PRO A 115 10.01 3.43 -1.29
CA PRO A 115 10.76 2.37 -0.71
C PRO A 115 10.49 2.12 0.76
N ASN A 116 10.88 0.95 1.20
CA ASN A 116 10.84 0.62 2.61
C ASN A 116 11.49 1.69 3.49
N HIS A 117 10.95 1.84 4.70
CA HIS A 117 11.46 2.77 5.73
C HIS A 117 11.00 4.21 5.61
N TYR A 118 10.38 4.56 4.49
CA TYR A 118 9.74 5.87 4.39
C TYR A 118 8.42 5.80 5.11
N MET A 119 8.01 6.91 5.71
CA MET A 119 6.68 7.04 6.25
C MET A 119 5.79 7.58 5.17
N HIS A 120 4.63 6.96 5.00
CA HIS A 120 3.69 7.40 3.97
C HIS A 120 2.23 7.06 4.34
N GLY A 121 1.32 7.61 3.56
CA GLY A 121 -0.09 7.31 3.66
C GLY A 121 -0.80 8.00 2.52
N PHE A 122 -2.10 7.86 2.48
CA PHE A 122 -2.85 8.61 1.51
C PHE A 122 -4.27 8.79 1.99
N VAL A 123 -4.92 9.78 1.41
CA VAL A 123 -6.32 10.03 1.68
C VAL A 123 -7.00 10.51 0.42
N ASN A 124 -8.31 10.27 0.35
CA ASN A 124 -9.15 10.90 -0.63
C ASN A 124 -9.78 12.15 -0.02
N PRO A 125 -9.26 13.35 -0.37
CA PRO A 125 -9.76 14.59 0.19
C PRO A 125 -10.92 15.18 -0.62
N THR A 126 -11.41 14.44 -1.63
CA THR A 126 -12.48 14.95 -2.51
C THR A 126 -13.84 14.44 -2.06
N ASP A 127 -14.89 14.86 -2.76
CA ASP A 127 -16.27 14.48 -2.43
C ASP A 127 -16.77 13.29 -3.25
N LYS A 128 -15.86 12.59 -3.94
CA LYS A 128 -16.24 11.46 -4.80
C LYS A 128 -15.27 10.31 -4.65
N THR A 129 -15.76 9.07 -4.75
CA THR A 129 -14.90 7.91 -4.59
C THR A 129 -13.92 7.80 -5.75
N LEU A 130 -12.67 7.44 -5.46
CA LEU A 130 -11.63 7.38 -6.46
C LEU A 130 -10.92 6.04 -6.44
N PRO A 131 -10.35 5.65 -7.59
CA PRO A 131 -9.58 4.44 -7.65
C PRO A 131 -8.13 4.67 -7.25
N ILE A 132 -7.53 3.66 -6.66
CA ILE A 132 -6.09 3.61 -6.48
C ILE A 132 -5.63 2.16 -6.58
N VAL A 133 -4.42 1.97 -7.09
CA VAL A 133 -3.76 0.68 -7.11
C VAL A 133 -2.48 0.80 -6.29
N PHE A 134 -2.24 -0.16 -5.42
CA PHE A 134 -0.97 -0.21 -4.74
C PHE A 134 -0.40 -1.61 -4.80
N VAL A 135 0.91 -1.67 -4.86
CA VAL A 135 1.65 -2.88 -5.15
C VAL A 135 2.72 -2.97 -4.10
N TRP A 136 2.81 -4.13 -3.47
CA TRP A 136 3.85 -4.42 -2.50
C TRP A 136 4.78 -5.48 -3.09
N MET A 137 6.06 -5.16 -3.22
CA MET A 137 7.07 -6.13 -3.64
C MET A 137 7.90 -6.52 -2.44
N ARG A 138 7.97 -7.81 -2.16
CA ARG A 138 8.82 -8.32 -1.10
C ARG A 138 10.29 -7.94 -1.32
N ASN A 139 10.93 -7.41 -0.29
CA ASN A 139 12.33 -7.01 -0.34
C ASN A 139 13.24 -8.14 0.17
N GLU A 140 14.51 -7.81 0.48
CA GLU A 140 15.54 -8.78 0.84
CA GLU A 140 15.49 -8.82 0.82
C GLU A 140 15.66 -9.01 2.34
N VAL A 141 14.86 -8.31 3.12
CA VAL A 141 15.01 -8.28 4.57
C VAL A 141 14.26 -9.44 5.23
N ALA A 142 14.84 -9.97 6.31
CA ALA A 142 14.13 -10.87 7.23
C ALA A 142 13.72 -12.18 6.55
N PRO A 143 14.70 -13.05 6.29
CA PRO A 143 14.42 -14.31 5.61
C PRO A 143 13.38 -15.16 6.35
N ASP A 144 13.29 -15.02 7.68
CA ASP A 144 12.32 -15.79 8.47
C ASP A 144 10.90 -15.26 8.43
N PHE A 145 10.69 -14.09 7.83
CA PHE A 145 9.35 -13.55 7.66
C PHE A 145 8.56 -14.52 6.79
N PRO A 146 7.35 -14.92 7.23
CA PRO A 146 6.65 -16.00 6.56
C PRO A 146 6.00 -15.72 5.22
N TYR A 147 5.80 -14.44 4.88
CA TYR A 147 4.97 -14.08 3.76
C TYR A 147 5.87 -13.59 2.63
N HIS A 148 6.03 -14.47 1.63
CA HIS A 148 6.94 -14.24 0.52
C HIS A 148 6.42 -13.15 -0.42
N ASP A 149 5.14 -12.81 -0.30
CA ASP A 149 4.50 -11.72 -1.06
C ASP A 149 4.29 -10.43 -0.26
N GLY A 150 4.74 -10.38 0.98
CA GLY A 150 4.55 -9.21 1.83
C GLY A 150 3.40 -9.37 2.82
N GLY A 151 2.57 -10.39 2.64
CA GLY A 151 1.46 -10.64 3.56
C GLY A 151 0.25 -9.76 3.39
N MET A 152 0.05 -9.18 2.21
CA MET A 152 -1.07 -8.26 2.01
C MET A 152 -2.40 -8.93 2.31
N ARG A 153 -2.60 -10.13 1.79
CA ARG A 153 -3.88 -10.85 1.98
C ARG A 153 -4.16 -11.16 3.45
N GLU A 154 -3.15 -11.60 4.17
CA GLU A 154 -3.33 -12.00 5.56
C GLU A 154 -3.57 -10.77 6.40
N TYR A 155 -2.78 -9.72 6.16
CA TYR A 155 -2.89 -8.47 6.88
C TYR A 155 -4.30 -7.88 6.76
N PHE A 156 -4.75 -7.69 5.53
CA PHE A 156 -6.08 -7.12 5.30
C PHE A 156 -7.25 -7.98 5.79
N GLN A 157 -7.11 -9.30 5.83
CA GLN A 157 -8.18 -10.15 6.38
C GLN A 157 -8.50 -9.84 7.86
N ALA A 158 -7.55 -9.24 8.57
CA ALA A 158 -7.70 -8.92 9.99
C ALA A 158 -8.43 -7.57 10.19
N VAL A 159 -8.40 -6.74 9.15
CA VAL A 159 -8.85 -5.34 9.27
C VAL A 159 -10.32 -5.19 8.85
N GLY A 160 -10.94 -6.23 8.29
CA GLY A 160 -12.36 -6.17 7.93
C GLY A 160 -12.90 -7.44 7.30
N PRO A 161 -14.24 -7.53 7.13
CA PRO A 161 -14.84 -8.73 6.57
C PRO A 161 -14.59 -8.92 5.06
N ARG A 162 -14.77 -10.17 4.59
CA ARG A 162 -14.76 -10.47 3.15
C ARG A 162 -16.10 -10.08 2.53
N ILE A 163 -16.06 -9.52 1.32
CA ILE A 163 -17.27 -9.16 0.57
C ILE A 163 -17.67 -10.36 -0.30
N THR A 164 -18.74 -11.06 0.09
CA THR A 164 -19.27 -12.12 -0.75
C THR A 164 -20.30 -11.57 -1.76
N ASP A 165 -20.70 -10.31 -1.59
CA ASP A 165 -21.57 -9.62 -2.55
C ASP A 165 -21.34 -8.11 -2.50
N LEU A 166 -20.74 -7.56 -3.56
CA LEU A 166 -20.52 -6.11 -3.66
C LEU A 166 -21.82 -5.31 -3.77
N ASN A 167 -22.90 -5.98 -4.19
CA ASN A 167 -24.25 -5.38 -4.20
C ASN A 167 -24.86 -5.27 -2.80
N ASN A 168 -24.49 -6.19 -1.90
CA ASN A 168 -24.94 -6.16 -0.50
C ASN A 168 -23.75 -6.25 0.47
N LEU A 169 -23.13 -5.11 0.74
CA LEU A 169 -21.91 -5.04 1.58
C LEU A 169 -22.18 -5.55 3.01
N PRO A 170 -21.19 -6.22 3.63
CA PRO A 170 -21.36 -6.77 4.98
C PRO A 170 -21.17 -5.74 6.11
N GLU A 171 -21.72 -6.02 7.29
CA GLU A 171 -21.60 -5.14 8.45
C GLU A 171 -20.18 -5.17 9.04
N LEU A 172 -19.78 -4.08 9.68
CA LEU A 172 -18.37 -3.88 10.05
C LEU A 172 -18.09 -4.12 11.54
N THR A 173 -17.19 -5.08 11.79
CA THR A 173 -17.01 -5.72 13.11
C THR A 173 -18.36 -6.10 13.73
N ALA A 179 -7.65 -2.74 14.58
CA ALA A 179 -6.95 -3.90 14.04
C ALA A 179 -5.95 -3.46 12.98
N PHE A 180 -6.31 -2.44 12.19
CA PHE A 180 -5.41 -1.92 11.15
C PHE A 180 -4.06 -1.57 11.77
N ALA A 181 -4.08 -0.95 12.95
CA ALA A 181 -2.86 -0.56 13.67
C ALA A 181 -2.23 -1.73 14.46
N SER A 182 -3.04 -2.41 15.25
CA SER A 182 -2.52 -3.34 16.25
C SER A 182 -1.89 -4.60 15.59
N GLU A 183 -2.41 -5.01 14.44
CA GLU A 183 -1.93 -6.21 13.76
C GLU A 183 -0.65 -5.95 12.98
N ALA A 184 -0.41 -4.70 12.64
CA ALA A 184 0.56 -4.34 11.63
C ALA A 184 1.99 -4.85 11.84
N PRO A 185 2.51 -4.78 13.08
CA PRO A 185 3.91 -5.15 13.23
C PRO A 185 4.24 -6.60 12.88
N LYS A 186 3.25 -7.49 13.00
CA LYS A 186 3.41 -8.89 12.61
C LYS A 186 3.82 -8.97 11.14
N TYR A 187 3.49 -7.93 10.38
CA TYR A 187 3.79 -7.84 8.95
C TYR A 187 4.92 -6.88 8.63
N GLY A 188 5.67 -6.45 9.64
CA GLY A 188 6.76 -5.51 9.38
C GLY A 188 6.22 -4.19 8.94
N ILE A 189 5.10 -3.79 9.56
CA ILE A 189 4.54 -2.46 9.36
C ILE A 189 4.33 -1.77 10.71
N ASN A 190 4.84 -0.55 10.85
CA ASN A 190 4.47 0.29 11.98
C ASN A 190 3.36 1.18 11.46
N GLN A 191 2.15 0.91 11.95
CA GLN A 191 0.93 1.57 11.51
C GLN A 191 0.34 2.46 12.60
N SER A 192 0.15 3.74 12.29
CA SER A 192 -0.49 4.67 13.22
C SER A 192 -1.99 4.43 13.25
N SER A 193 -2.62 4.72 14.40
CA SER A 193 -4.07 4.51 14.56
C SER A 193 -4.80 5.81 14.43
N TYR A 194 -4.08 6.93 14.51
CA TYR A 194 -4.71 8.23 14.28
C TYR A 194 -3.73 9.10 13.49
N PHE A 195 -4.25 10.03 12.71
CA PHE A 195 -3.40 10.73 11.77
C PHE A 195 -2.15 11.42 12.37
N MET A 196 -2.31 12.04 13.54
CA MET A 196 -1.25 12.85 14.11
C MET A 196 -0.35 12.04 15.06
N GLU A 197 -0.54 10.73 15.12
CA GLU A 197 0.27 9.90 16.03
C GLU A 197 1.76 9.91 15.67
N TYR A 198 2.07 9.83 14.37
CA TYR A 198 3.46 9.77 13.91
C TYR A 198 3.92 11.08 13.26
N VAL A 199 3.05 12.09 13.28
CA VAL A 199 3.22 13.32 12.47
C VAL A 199 3.41 14.59 13.31
N ASN A 200 4.50 15.29 12.99
CA ASN A 200 4.80 16.58 13.58
CA ASN A 200 4.89 16.57 13.55
C ASN A 200 4.31 17.71 12.67
N THR A 201 4.54 17.58 11.35
CA THR A 201 4.12 18.59 10.37
C THR A 201 3.68 17.94 9.07
N ILE A 202 2.89 18.68 8.32
CA ILE A 202 2.55 18.36 6.95
C ILE A 202 2.83 19.60 6.14
N SER A 203 3.66 19.46 5.11
CA SER A 203 4.02 20.56 4.23
C SER A 203 3.59 20.27 2.82
N ASP A 204 3.15 21.31 2.11
CA ASP A 204 2.70 21.18 0.73
C ASP A 204 3.82 21.59 -0.26
N LYS A 205 5.06 21.67 0.25
CA LYS A 205 6.24 21.98 -0.55
C LYS A 205 7.02 20.69 -0.72
N LEU A 206 6.89 20.07 -1.89
CA LEU A 206 7.40 18.72 -2.13
C LEU A 206 8.90 18.69 -2.39
N PRO A 207 9.68 18.05 -1.50
CA PRO A 207 11.12 17.92 -1.74
C PRO A 207 11.45 17.15 -3.02
N ALA A 208 12.35 17.72 -3.83
CA ALA A 208 12.72 17.11 -5.12
C ALA A 208 13.12 15.65 -4.96
N GLN A 209 13.73 15.30 -3.84
CA GLN A 209 14.24 13.94 -3.62
C GLN A 209 13.14 12.90 -3.54
N ILE A 210 12.00 13.24 -2.95
CA ILE A 210 10.82 12.35 -2.92
C ILE A 210 10.32 12.24 -4.34
N ALA A 211 10.14 13.42 -4.94
CA ALA A 211 9.59 13.54 -6.28
C ALA A 211 10.30 12.62 -7.27
N LYS A 212 11.60 12.39 -7.07
CA LYS A 212 12.42 11.61 -8.00
C LYS A 212 12.44 10.12 -7.81
N LEU A 213 11.91 9.62 -6.68
CA LEU A 213 11.93 8.19 -6.40
C LEU A 213 11.21 7.44 -7.51
N LYS A 214 11.87 6.38 -8.01
CA LYS A 214 11.28 5.54 -9.04
C LYS A 214 11.94 4.19 -9.08
N ASN A 215 11.15 3.19 -9.48
CA ASN A 215 11.63 1.85 -9.73
C ASN A 215 10.71 1.23 -10.78
N ASP A 216 10.78 1.75 -12.01
CA ASP A 216 9.96 1.19 -13.11
C ASP A 216 10.35 -0.23 -13.45
N LYS A 217 11.63 -0.58 -13.29
CA LYS A 217 12.15 -1.88 -13.66
C LYS A 217 11.38 -2.99 -12.94
N ASP A 218 11.26 -2.87 -11.63
CA ASP A 218 10.59 -3.92 -10.86
C ASP A 218 9.09 -3.93 -11.14
N LEU A 219 8.49 -2.75 -11.32
CA LEU A 219 7.08 -2.67 -11.65
C LEU A 219 6.77 -3.34 -13.00
N GLU A 220 7.63 -3.09 -13.99
CA GLU A 220 7.49 -3.73 -15.29
C GLU A 220 7.56 -5.25 -15.17
N ARG A 221 8.44 -5.75 -14.31
CA ARG A 221 8.53 -7.19 -14.06
C ARG A 221 7.25 -7.74 -13.43
N MET A 222 6.68 -7.01 -12.48
CA MET A 222 5.44 -7.47 -11.84
C MET A 222 4.27 -7.43 -12.81
N VAL A 223 4.24 -6.42 -13.67
CA VAL A 223 3.20 -6.36 -14.70
C VAL A 223 3.33 -7.55 -15.68
N GLU A 224 4.56 -7.88 -16.06
CA GLU A 224 4.79 -9.07 -16.89
C GLU A 224 4.21 -10.32 -16.22
N VAL A 225 4.49 -10.48 -14.93
CA VAL A 225 3.99 -11.65 -14.20
C VAL A 225 2.48 -11.66 -14.22
N ILE A 226 1.86 -10.52 -13.91
CA ILE A 226 0.41 -10.42 -13.86
C ILE A 226 -0.19 -10.78 -15.22
N GLU A 227 0.37 -10.23 -16.29
CA GLU A 227 -0.14 -10.49 -17.63
C GLU A 227 0.05 -11.94 -18.05
N ALA A 228 1.20 -12.51 -17.73
CA ALA A 228 1.46 -13.92 -18.01
C ALA A 228 0.42 -14.77 -17.29
N PHE A 229 0.21 -14.52 -16.01
CA PHE A 229 -0.83 -15.22 -15.24
C PHE A 229 -2.18 -15.15 -15.92
N ASN A 230 -2.57 -13.94 -16.35
CA ASN A 230 -3.86 -13.75 -17.01
C ASN A 230 -3.95 -14.42 -18.39
N ARG A 231 -2.79 -14.67 -19.03
CA ARG A 231 -2.76 -15.45 -20.28
C ARG A 231 -2.86 -16.96 -20.09
N GLY A 232 -2.76 -17.43 -18.85
CA GLY A 232 -2.83 -18.86 -18.54
C GLY A 232 -1.47 -19.52 -18.29
N ASP A 233 -0.41 -18.71 -18.32
CA ASP A 233 0.97 -19.18 -18.18
C ASP A 233 1.19 -19.83 -16.81
N LYS A 234 1.58 -21.10 -16.80
CA LYS A 234 1.66 -21.88 -15.56
C LYS A 234 3.00 -21.74 -14.83
N SER A 235 3.92 -20.97 -15.40
CA SER A 235 5.21 -20.73 -14.76
C SER A 235 5.15 -19.65 -13.69
N VAL A 236 4.00 -18.99 -13.58
CA VAL A 236 3.73 -18.03 -12.53
C VAL A 236 2.42 -18.40 -11.88
N THR A 237 2.18 -17.86 -10.69
CA THR A 237 0.94 -18.13 -9.98
C THR A 237 0.48 -16.87 -9.28
N CYS A 238 -0.82 -16.69 -9.27
CA CYS A 238 -1.45 -15.67 -8.44
C CYS A 238 -2.57 -16.35 -7.67
N SER A 239 -2.82 -15.87 -6.45
CA SER A 239 -3.86 -16.43 -5.59
C SER A 239 -4.32 -15.39 -4.59
CU CU B . 2.18 1.48 2.64
NA NA C . 16.39 -1.34 -0.61
#